data_6ERN
#
_entry.id   6ERN
#
_cell.length_a   90.846
_cell.length_b   90.846
_cell.length_c   56.747
_cell.angle_alpha   90.00
_cell.angle_beta   90.00
_cell.angle_gamma   120.00
#
_symmetry.space_group_name_H-M   'P 6'
#
loop_
_entity.id
_entity.type
_entity.pdbx_description
1 polymer 'Gag polyprotein'
2 non-polymer "ADENOSINE-5'-TRIPHOSPHATE"
3 water water
#
_entity_poly.entity_id   1
_entity_poly.type   'polypeptide(L)'
_entity_poly.pdbx_seq_one_letter_code
;PIVQNQMVHQCISPRTLNAWVKVVEEKAFSPEVIPMFSALSCGATPQDLNTMLNTVGGHQAAMQMLKETINEEAAEWDRL
HPVHAGPIAPGQMREPRGSDIAGTTSTLQEQIGWMTHNPPIPVGEIYKRWIILGLNKIVRMYSPTSILDIRQGPKEPFRD
YVDRFYKTLRAEQASQEVKNWMTETLLVQNANPDCKTILKALGPGATLEEMMTACQ
;
_entity_poly.pdbx_strand_id   A
#
loop_
_chem_comp.id
_chem_comp.type
_chem_comp.name
_chem_comp.formula
ATP non-polymer ADENOSINE-5'-TRIPHOSPHATE 'C10 H16 N5 O13 P3'
#
# COMPACT_ATOMS: atom_id res chain seq x y z
N PRO A 1 -11.50 -14.30 5.15
CA PRO A 1 -11.97 -13.01 5.68
C PRO A 1 -13.10 -13.23 6.62
N ILE A 2 -13.52 -12.17 7.29
CA ILE A 2 -14.78 -12.13 8.00
C ILE A 2 -15.74 -11.27 7.16
N VAL A 3 -16.89 -11.84 6.84
CA VAL A 3 -17.94 -11.13 6.11
C VAL A 3 -19.34 -11.42 6.66
N GLN A 4 -20.34 -10.68 6.17
CA GLN A 4 -21.77 -10.89 6.60
C GLN A 4 -22.49 -12.04 5.91
N ASN A 5 -23.24 -12.84 6.66
CA ASN A 5 -24.23 -13.78 6.00
C ASN A 5 -25.36 -13.00 5.24
N GLN A 6 -25.33 -12.03 10.80
CA GLN A 6 -24.12 -12.16 11.63
C GLN A 6 -22.78 -12.25 10.80
N MET A 7 -21.69 -12.01 11.53
CA MET A 7 -20.36 -11.88 10.94
C MET A 7 -19.67 -13.23 11.04
N VAL A 8 -19.42 -13.84 9.85
CA VAL A 8 -18.81 -15.21 9.75
C VAL A 8 -17.45 -15.29 9.02
N HIS A 9 -16.65 -16.31 9.38
CA HIS A 9 -15.42 -16.61 8.70
C HIS A 9 -15.72 -17.37 7.41
N GLN A 10 -15.12 -16.90 6.33
CA GLN A 10 -15.05 -17.55 5.03
C GLN A 10 -13.59 -17.82 4.61
N CYS A 11 -13.36 -18.94 3.94
CA CYS A 11 -12.06 -19.28 3.32
C CYS A 11 -11.67 -18.21 2.30
N ILE A 12 -10.40 -17.80 2.32
CA ILE A 12 -9.87 -16.93 1.30
C ILE A 12 -10.05 -17.67 -0.05
N SER A 13 -10.62 -16.98 -1.04
CA SER A 13 -10.96 -17.62 -2.29
C SER A 13 -9.73 -17.85 -3.18
N PRO A 14 -9.75 -18.95 -3.95
CA PRO A 14 -8.67 -19.19 -4.93
C PRO A 14 -8.41 -18.05 -5.92
N ARG A 15 -9.47 -17.36 -6.24
CA ARG A 15 -9.46 -16.18 -7.06
C ARG A 15 -8.78 -14.96 -6.44
N THR A 16 -8.99 -14.73 -5.14
CA THR A 16 -8.25 -13.65 -4.45
C THR A 16 -6.74 -14.03 -4.39
N LEU A 17 -6.44 -15.29 -4.04
CA LEU A 17 -5.09 -15.76 -3.87
C LEU A 17 -4.33 -15.53 -5.17
N ASN A 18 -4.98 -15.91 -6.26
CA ASN A 18 -4.40 -15.88 -7.60
C ASN A 18 -4.21 -14.45 -8.12
N ALA A 19 -5.24 -13.62 -8.00
CA ALA A 19 -5.16 -12.16 -8.25
C ALA A 19 -4.00 -11.47 -7.56
N TRP A 20 -3.80 -11.73 -6.27
CA TRP A 20 -2.70 -11.06 -5.57
C TRP A 20 -1.31 -11.46 -6.12
N VAL A 21 -1.09 -12.77 -6.19
CA VAL A 21 0.11 -13.37 -6.79
C VAL A 21 0.40 -12.86 -8.22
N LYS A 22 -0.63 -12.67 -9.05
CA LYS A 22 -0.43 -12.17 -10.42
C LYS A 22 -0.15 -10.71 -10.42
N VAL A 23 -0.81 -9.87 -9.61
CA VAL A 23 -0.51 -8.42 -9.62
CA VAL A 23 -0.48 -8.43 -9.65
C VAL A 23 0.94 -8.19 -9.22
N VAL A 24 1.39 -8.90 -8.19
CA VAL A 24 2.80 -8.79 -7.77
C VAL A 24 3.81 -9.21 -8.87
N GLU A 25 3.54 -10.29 -9.59
CA GLU A 25 4.39 -10.77 -10.70
C GLU A 25 4.45 -9.80 -11.89
N GLU A 26 3.29 -9.27 -12.27
CA GLU A 26 3.14 -8.34 -13.37
C GLU A 26 3.55 -6.90 -13.04
N LYS A 27 3.40 -6.42 -11.79
CA LYS A 27 3.62 -4.98 -11.44
C LYS A 27 4.69 -4.69 -10.42
N ALA A 28 5.31 -5.74 -9.87
CA ALA A 28 6.24 -5.64 -8.70
C ALA A 28 5.75 -4.67 -7.62
N PHE A 29 6.52 -3.60 -7.31
CA PHE A 29 6.12 -2.58 -6.33
C PHE A 29 5.96 -1.20 -6.97
N SER A 30 5.29 -1.20 -8.12
CA SER A 30 4.73 0.00 -8.63
C SER A 30 3.60 0.43 -7.64
N PRO A 31 3.43 1.74 -7.43
CA PRO A 31 2.53 2.19 -6.36
C PRO A 31 1.12 1.67 -6.43
N GLU A 32 0.58 1.48 -7.61
CA GLU A 32 -0.82 1.01 -7.72
C GLU A 32 -1.09 -0.40 -7.10
N VAL A 33 -0.03 -1.13 -6.80
CA VAL A 33 -0.14 -2.45 -6.19
C VAL A 33 -0.71 -2.34 -4.75
N ILE A 34 -0.43 -1.23 -4.08
CA ILE A 34 -0.88 -1.02 -2.70
C ILE A 34 -2.42 -0.94 -2.54
N PRO A 35 -3.09 -0.06 -3.31
CA PRO A 35 -4.55 -0.08 -3.21
C PRO A 35 -5.17 -1.40 -3.75
N MET A 36 -4.47 -2.15 -4.60
CA MET A 36 -4.96 -3.49 -4.97
C MET A 36 -4.84 -4.47 -3.78
N PHE A 37 -3.72 -4.43 -3.08
CA PHE A 37 -3.56 -5.27 -1.93
C PHE A 37 -4.66 -4.98 -0.91
N SER A 38 -4.86 -3.70 -0.66
CA SER A 38 -5.87 -3.27 0.31
C SER A 38 -7.27 -3.75 -0.07
N ALA A 39 -7.61 -3.67 -1.35
CA ALA A 39 -8.91 -4.09 -1.82
C ALA A 39 -9.08 -5.63 -1.83
N LEU A 40 -8.06 -6.34 -2.31
CA LEU A 40 -8.12 -7.80 -2.22
C LEU A 40 -8.13 -8.41 -0.80
N SER A 41 -7.61 -7.68 0.19
CA SER A 41 -7.66 -8.10 1.60
C SER A 41 -8.85 -7.48 2.41
N CYS A 42 -9.91 -7.04 1.75
CA CYS A 42 -11.10 -6.57 2.44
C CYS A 42 -11.68 -7.72 3.34
N GLY A 43 -11.85 -7.44 4.63
CA GLY A 43 -12.30 -8.41 5.62
C GLY A 43 -11.25 -9.39 6.12
N ALA A 44 -10.01 -9.27 5.64
CA ALA A 44 -8.98 -10.25 5.93
C ALA A 44 -8.72 -10.35 7.42
N THR A 45 -8.60 -11.59 7.93
CA THR A 45 -7.99 -11.86 9.23
C THR A 45 -6.49 -11.69 9.09
N PRO A 46 -5.78 -11.58 10.22
CA PRO A 46 -4.35 -11.61 10.12
C PRO A 46 -3.81 -12.88 9.42
N GLN A 47 -4.49 -14.00 9.56
CA GLN A 47 -4.06 -15.24 8.91
C GLN A 47 -4.06 -15.09 7.40
N ASP A 48 -5.12 -14.43 6.88
CA ASP A 48 -5.27 -14.20 5.47
C ASP A 48 -4.23 -13.24 4.96
N LEU A 49 -3.90 -12.23 5.76
CA LEU A 49 -2.89 -11.27 5.42
C LEU A 49 -1.56 -11.98 5.28
N ASN A 50 -1.26 -12.91 6.19
CA ASN A 50 0.00 -13.70 6.11
C ASN A 50 -0.02 -14.64 4.89
N THR A 51 -1.16 -15.23 4.57
CA THR A 51 -1.28 -16.08 3.40
C THR A 51 -0.92 -15.26 2.14
N MET A 52 -1.44 -14.05 2.01
CA MET A 52 -1.20 -13.29 0.78
C MET A 52 0.29 -12.91 0.65
N LEU A 53 0.89 -12.45 1.75
CA LEU A 53 2.29 -12.15 1.78
C LEU A 53 3.22 -13.39 1.61
N ASN A 54 2.93 -14.51 2.29
CA ASN A 54 3.66 -15.77 2.14
C ASN A 54 3.59 -16.45 0.75
N THR A 55 2.55 -16.17 -0.04
CA THR A 55 2.37 -16.81 -1.33
C THR A 55 3.18 -16.12 -2.46
N VAL A 56 3.77 -14.98 -2.16
CA VAL A 56 4.66 -14.24 -3.10
C VAL A 56 6.00 -14.92 -3.12
N GLY A 57 6.43 -15.28 -4.32
CA GLY A 57 7.57 -16.18 -4.51
C GLY A 57 8.90 -15.48 -4.65
N GLY A 58 8.94 -14.35 -5.34
CA GLY A 58 10.17 -13.57 -5.36
C GLY A 58 10.17 -12.44 -4.33
N HIS A 59 10.94 -11.43 -4.63
CA HIS A 59 10.99 -10.18 -3.88
C HIS A 59 11.26 -10.40 -2.39
N GLN A 60 12.10 -11.38 -2.07
CA GLN A 60 12.30 -11.77 -0.70
C GLN A 60 13.11 -10.71 0.08
N ALA A 61 13.83 -9.83 -0.61
CA ALA A 61 14.47 -8.69 0.06
C ALA A 61 13.38 -7.76 0.55
N ALA A 62 12.37 -7.51 -0.30
CA ALA A 62 11.21 -6.72 0.06
C ALA A 62 10.42 -7.37 1.18
N MET A 63 10.18 -8.67 1.09
CA MET A 63 9.43 -9.35 2.18
C MET A 63 10.13 -9.29 3.52
N GLN A 64 11.46 -9.29 3.50
CA GLN A 64 12.24 -9.21 4.72
C GLN A 64 12.18 -7.77 5.34
N MET A 65 12.26 -6.72 4.51
CA MET A 65 12.13 -5.36 5.00
C MET A 65 10.72 -5.20 5.62
N LEU A 66 9.74 -5.82 4.99
CA LEU A 66 8.40 -5.81 5.51
C LEU A 66 8.22 -6.42 6.96
N LYS A 67 8.90 -7.53 7.22
CA LYS A 67 8.95 -8.11 8.56
C LYS A 67 9.55 -7.12 9.58
N GLU A 68 10.59 -6.41 9.15
CA GLU A 68 11.22 -5.39 10.03
C GLU A 68 10.22 -4.31 10.41
N THR A 69 9.48 -3.83 9.42
CA THR A 69 8.46 -2.81 9.63
C THR A 69 7.36 -3.40 10.51
N ILE A 70 6.98 -4.65 10.24
CA ILE A 70 5.98 -5.32 11.07
C ILE A 70 6.44 -5.44 12.52
N ASN A 71 7.65 -5.93 12.75
CA ASN A 71 8.19 -5.99 14.12
C ASN A 71 8.33 -4.68 14.87
N GLU A 72 8.76 -3.64 14.17
CA GLU A 72 8.72 -2.26 14.74
C GLU A 72 7.34 -1.84 15.14
N GLU A 73 6.35 -2.01 14.28
CA GLU A 73 4.96 -1.61 14.62
C GLU A 73 4.41 -2.46 15.75
N ALA A 74 4.81 -3.71 15.81
CA ALA A 74 4.36 -4.61 16.87
C ALA A 74 4.94 -4.24 18.22
N ALA A 75 6.19 -3.76 18.22
CA ALA A 75 6.86 -3.41 19.46
C ALA A 75 6.26 -2.10 19.97
N GLU A 76 5.95 -1.19 19.06
CA GLU A 76 5.24 0.01 19.46
C GLU A 76 3.81 -0.28 20.03
N TRP A 77 3.09 -1.25 19.45
CA TRP A 77 1.85 -1.75 20.06
C TRP A 77 2.03 -2.30 21.50
N ASP A 78 3.07 -3.09 21.72
CA ASP A 78 3.29 -3.63 23.06
C ASP A 78 3.65 -2.53 24.04
N ARG A 79 4.22 -1.46 23.53
CA ARG A 79 4.59 -0.33 24.38
C ARG A 79 3.34 0.38 24.88
N LEU A 80 2.39 0.64 24.00
CA LEU A 80 1.12 1.25 24.33
C LEU A 80 0.04 0.27 24.93
N HIS A 81 0.19 -1.04 24.75
CA HIS A 81 -0.83 -2.00 25.15
C HIS A 81 -0.23 -3.24 25.81
N PRO A 82 0.32 -3.08 27.02
CA PRO A 82 0.75 -4.30 27.75
C PRO A 82 -0.41 -5.30 28.09
N VAL A 83 -0.11 -6.61 28.07
CA VAL A 83 -1.02 -7.67 28.57
C VAL A 83 -0.51 -8.18 29.97
N HIS A 84 -1.32 -8.98 30.68
CA HIS A 84 -1.05 -9.42 32.09
C HIS A 84 -0.73 -10.92 32.22
N ILE A 88 -4.88 -16.95 32.21
CA ILE A 88 -6.10 -16.21 31.96
C ILE A 88 -7.44 -16.89 32.39
N ALA A 89 -8.43 -16.02 32.61
CA ALA A 89 -9.83 -16.34 32.80
C ALA A 89 -10.36 -17.41 31.87
N PRO A 90 -10.76 -18.56 32.45
CA PRO A 90 -11.43 -19.62 31.67
C PRO A 90 -12.58 -19.13 30.77
N GLY A 91 -12.56 -19.59 29.51
CA GLY A 91 -13.55 -19.24 28.49
C GLY A 91 -13.57 -17.79 28.13
N GLN A 92 -12.55 -17.02 28.48
CA GLN A 92 -12.51 -15.58 28.20
C GLN A 92 -11.41 -15.24 27.19
N MET A 93 -11.56 -14.07 26.63
CA MET A 93 -10.72 -13.55 25.58
C MET A 93 -9.49 -12.92 26.23
N ARG A 94 -8.31 -13.28 25.74
CA ARG A 94 -7.07 -12.56 26.11
C ARG A 94 -6.91 -11.30 25.24
N GLU A 95 -6.22 -10.28 25.77
CA GLU A 95 -5.88 -9.07 24.99
C GLU A 95 -4.73 -9.40 24.01
N PRO A 96 -4.82 -8.89 22.76
CA PRO A 96 -3.82 -9.21 21.73
C PRO A 96 -2.55 -8.41 21.93
N ARG A 97 -1.40 -9.07 21.79
CA ARG A 97 -0.13 -8.37 21.75
C ARG A 97 0.26 -8.11 20.26
N GLY A 98 1.35 -7.38 20.01
CA GLY A 98 1.83 -7.14 18.67
C GLY A 98 1.90 -8.34 17.76
N SER A 99 2.50 -9.42 18.27
CA SER A 99 2.69 -10.65 17.50
C SER A 99 1.39 -11.43 17.27
N ASP A 100 0.38 -11.21 18.14
CA ASP A 100 -0.98 -11.74 17.94
C ASP A 100 -1.71 -11.04 16.83
N ILE A 101 -1.57 -9.74 16.80
CA ILE A 101 -2.06 -8.93 15.70
C ILE A 101 -1.41 -9.32 14.35
N ALA A 102 -0.09 -9.46 14.31
CA ALA A 102 0.65 -9.88 13.11
C ALA A 102 0.41 -11.32 12.73
N GLY A 103 -0.35 -12.06 13.54
CA GLY A 103 -0.73 -13.44 13.19
C GLY A 103 0.23 -14.56 13.50
N THR A 104 1.36 -14.27 14.16
CA THR A 104 2.38 -15.31 14.47
C THR A 104 2.18 -16.12 15.75
N THR A 105 1.51 -15.55 16.77
CA THR A 105 1.25 -16.20 18.07
C THR A 105 -0.25 -16.25 18.46
N SER A 106 -1.13 -15.80 17.56
CA SER A 106 -2.58 -15.89 17.69
C SER A 106 -3.06 -16.97 16.77
N THR A 107 -4.07 -17.73 17.19
CA THR A 107 -4.74 -18.68 16.31
C THR A 107 -5.84 -18.02 15.51
N LEU A 108 -6.35 -18.75 14.51
CA LEU A 108 -7.47 -18.29 13.71
C LEU A 108 -8.69 -17.95 14.57
N GLN A 109 -8.98 -18.82 15.56
CA GLN A 109 -10.07 -18.66 16.52
C GLN A 109 -9.93 -17.42 17.42
N GLU A 110 -8.75 -17.16 17.93
CA GLU A 110 -8.51 -15.88 18.66
C GLU A 110 -8.75 -14.70 17.75
N GLN A 111 -8.18 -14.77 16.54
CA GLN A 111 -8.41 -13.71 15.55
C GLN A 111 -9.89 -13.49 15.26
N ILE A 112 -10.65 -14.56 15.06
CA ILE A 112 -12.09 -14.42 14.80
C ILE A 112 -12.81 -13.84 16.02
N GLY A 113 -12.39 -14.26 17.22
CA GLY A 113 -12.97 -13.74 18.44
C GLY A 113 -12.69 -12.27 18.68
N TRP A 114 -11.50 -11.79 18.34
CA TRP A 114 -11.25 -10.35 18.48
C TRP A 114 -12.04 -9.57 17.47
N MET A 115 -12.02 -10.02 16.23
CA MET A 115 -12.61 -9.29 15.12
C MET A 115 -14.16 -9.23 15.20
N THR A 116 -14.80 -10.23 15.80
CA THR A 116 -16.27 -10.32 15.92
C THR A 116 -16.84 -9.94 17.32
N HIS A 117 -15.98 -9.57 18.26
CA HIS A 117 -16.41 -9.07 19.58
C HIS A 117 -17.27 -7.81 19.44
N ASN A 118 -18.06 -7.51 20.47
CA ASN A 118 -18.89 -6.28 20.58
C ASN A 118 -18.34 -5.45 21.77
N PRO A 119 -17.66 -4.30 21.52
CA PRO A 119 -17.12 -3.84 20.22
C PRO A 119 -15.90 -4.66 19.60
N PRO A 120 -15.75 -4.67 18.27
CA PRO A 120 -14.63 -5.45 17.68
C PRO A 120 -13.22 -4.97 18.11
N ILE A 121 -12.30 -5.90 18.34
CA ILE A 121 -10.87 -5.55 18.43
C ILE A 121 -10.31 -5.85 17.04
N PRO A 122 -10.16 -4.81 16.19
CA PRO A 122 -10.07 -5.06 14.74
C PRO A 122 -8.62 -5.42 14.29
N VAL A 123 -8.24 -6.66 14.61
CA VAL A 123 -6.85 -7.08 14.48
C VAL A 123 -6.40 -7.17 13.03
N GLY A 124 -7.31 -7.52 12.12
CA GLY A 124 -7.05 -7.48 10.69
C GLY A 124 -6.81 -6.10 10.08
N GLU A 125 -7.57 -5.10 10.50
CA GLU A 125 -7.40 -3.71 10.06
C GLU A 125 -6.13 -3.08 10.66
N ILE A 126 -5.80 -3.46 11.88
CA ILE A 126 -4.56 -2.98 12.50
C ILE A 126 -3.34 -3.55 11.76
N TYR A 127 -3.33 -4.87 11.55
CA TYR A 127 -2.20 -5.47 10.89
C TYR A 127 -2.06 -4.96 9.46
N LYS A 128 -3.18 -4.74 8.75
CA LYS A 128 -3.20 -4.27 7.35
C LYS A 128 -2.58 -2.87 7.25
N ARG A 129 -2.83 -2.04 8.25
CA ARG A 129 -2.15 -0.70 8.34
C ARG A 129 -0.63 -0.83 8.51
N TRP A 130 -0.16 -1.73 9.36
CA TRP A 130 1.29 -2.01 9.43
C TRP A 130 1.85 -2.50 8.09
N ILE A 131 1.18 -3.46 7.48
CA ILE A 131 1.63 -4.01 6.21
C ILE A 131 1.70 -2.91 5.14
N ILE A 132 0.64 -2.10 5.03
CA ILE A 132 0.64 -1.01 4.03
C ILE A 132 1.76 0.02 4.25
N LEU A 133 2.03 0.34 5.52
CA LEU A 133 3.14 1.21 5.87
C LEU A 133 4.43 0.58 5.36
N GLY A 134 4.60 -0.73 5.59
CA GLY A 134 5.81 -1.39 5.11
C GLY A 134 5.87 -1.37 3.59
N LEU A 135 4.73 -1.55 2.95
CA LEU A 135 4.69 -1.66 1.50
C LEU A 135 5.04 -0.29 0.86
N ASN A 136 4.68 0.81 1.48
CA ASN A 136 4.96 2.13 0.97
C ASN A 136 6.43 2.46 1.06
N LYS A 137 7.11 2.02 2.12
CA LYS A 137 8.54 2.19 2.20
C LYS A 137 9.26 1.41 1.11
N ILE A 138 8.72 0.27 0.72
CA ILE A 138 9.26 -0.54 -0.36
C ILE A 138 9.02 0.13 -1.74
N VAL A 139 7.84 0.71 -1.96
CA VAL A 139 7.50 1.41 -3.20
C VAL A 139 8.49 2.60 -3.39
N ARG A 140 8.80 3.29 -2.28
CA ARG A 140 9.70 4.45 -2.31
C ARG A 140 11.12 3.93 -2.55
N MET A 141 11.52 2.84 -1.92
CA MET A 141 12.82 2.22 -2.18
C MET A 141 13.06 1.91 -3.67
N TYR A 142 12.07 1.29 -4.31
CA TYR A 142 12.23 0.68 -5.64
C TYR A 142 11.87 1.67 -6.74
N SER A 143 11.49 2.88 -6.33
CA SER A 143 11.26 3.99 -7.27
C SER A 143 12.61 4.31 -7.98
N PRO A 144 12.71 4.05 -9.30
CA PRO A 144 14.04 4.19 -9.93
C PRO A 144 14.61 5.64 -10.15
N THR A 145 13.73 6.65 -10.22
CA THR A 145 14.08 7.99 -10.66
C THR A 145 13.61 9.07 -9.71
N SER A 146 14.47 10.06 -9.53
CA SER A 146 14.13 11.31 -8.85
C SER A 146 13.19 12.12 -9.76
N ILE A 147 12.25 12.87 -9.18
CA ILE A 147 11.43 13.77 -9.97
C ILE A 147 12.30 14.86 -10.63
N LEU A 148 13.49 15.13 -10.09
CA LEU A 148 14.38 16.10 -10.72
C LEU A 148 14.91 15.67 -12.08
N ASP A 149 14.95 14.35 -12.37
CA ASP A 149 15.35 13.83 -13.69
C ASP A 149 14.21 13.54 -14.64
N ILE A 150 12.99 13.88 -14.27
CA ILE A 150 11.91 13.84 -15.22
C ILE A 150 11.88 15.18 -15.93
N ARG A 151 12.44 15.22 -17.15
CA ARG A 151 12.44 16.40 -17.98
C ARG A 151 11.84 16.08 -19.36
N GLN A 152 11.02 16.99 -19.86
CA GLN A 152 10.38 16.80 -21.18
C GLN A 152 11.45 16.81 -22.28
N GLY A 153 11.37 15.82 -23.15
CA GLY A 153 12.21 15.76 -24.32
C GLY A 153 11.85 16.80 -25.38
N PRO A 154 12.82 17.17 -26.20
CA PRO A 154 12.58 18.14 -27.28
C PRO A 154 11.34 17.88 -28.17
N LYS A 155 11.02 16.61 -28.45
CA LYS A 155 9.89 16.25 -29.30
C LYS A 155 8.87 15.31 -28.60
N GLU A 156 8.97 15.18 -27.28
CA GLU A 156 8.03 14.41 -26.46
C GLU A 156 6.73 15.21 -26.26
N PRO A 157 5.60 14.60 -26.63
CA PRO A 157 4.32 15.26 -26.35
C PRO A 157 4.16 15.58 -24.86
N PHE A 158 3.65 16.77 -24.56
CA PHE A 158 3.51 17.28 -23.19
C PHE A 158 2.77 16.25 -22.29
N ARG A 159 1.67 15.69 -22.79
CA ARG A 159 0.91 14.68 -22.05
C ARG A 159 1.79 13.52 -21.61
N ASP A 160 2.63 13.02 -22.52
CA ASP A 160 3.49 11.88 -22.20
C ASP A 160 4.45 12.28 -21.12
N TYR A 161 4.93 13.51 -21.16
CA TYR A 161 5.86 13.99 -20.12
C TYR A 161 5.17 14.11 -18.75
N VAL A 162 3.93 14.58 -18.74
CA VAL A 162 3.16 14.76 -17.52
C VAL A 162 2.83 13.39 -16.87
N ASP A 163 2.46 12.42 -17.70
CA ASP A 163 2.35 11.04 -17.27
C ASP A 163 3.57 10.55 -16.57
N ARG A 164 4.74 10.81 -17.13
CA ARG A 164 5.98 10.36 -16.45
C ARG A 164 6.20 11.13 -15.11
N PHE A 165 5.89 12.41 -15.12
CA PHE A 165 6.19 13.32 -14.00
C PHE A 165 5.36 12.87 -12.83
N TYR A 166 4.04 12.73 -13.03
CA TYR A 166 3.17 12.21 -11.95
C TYR A 166 3.32 10.76 -11.62
N LYS A 167 3.78 9.94 -12.56
CA LYS A 167 4.09 8.53 -12.22
C LYS A 167 5.25 8.54 -11.21
N THR A 168 6.28 9.35 -11.51
CA THR A 168 7.49 9.32 -10.69
C THR A 168 7.15 9.89 -9.30
N LEU A 169 6.33 10.93 -9.27
CA LEU A 169 5.96 11.62 -8.06
C LEU A 169 5.13 10.79 -7.12
N ARG A 170 4.26 9.95 -7.69
CA ARG A 170 3.52 8.96 -6.89
C ARG A 170 4.44 7.89 -6.29
N ALA A 171 5.38 7.33 -7.07
CA ALA A 171 6.34 6.36 -6.51
C ALA A 171 7.24 6.94 -5.40
N GLU A 172 7.69 8.19 -5.59
CA GLU A 172 8.50 8.96 -4.62
C GLU A 172 7.75 9.47 -3.35
N GLN A 173 6.42 9.73 -3.36
CA GLN A 173 5.73 10.53 -2.29
C GLN A 173 4.80 9.66 -1.44
N THR A 185 5.15 24.91 -10.45
CA THR A 185 6.52 25.29 -10.29
C THR A 185 7.44 24.30 -11.02
N LEU A 186 7.65 23.10 -10.48
CA LEU A 186 8.68 22.20 -11.04
C LEU A 186 8.28 21.53 -12.36
N LEU A 187 6.99 21.31 -12.58
CA LEU A 187 6.48 20.77 -13.85
C LEU A 187 6.84 21.67 -15.05
N VAL A 188 6.61 22.97 -14.84
CA VAL A 188 6.96 24.00 -15.80
C VAL A 188 8.48 24.06 -15.99
N GLN A 189 9.27 24.08 -14.91
CA GLN A 189 10.76 24.19 -14.99
C GLN A 189 11.33 23.02 -15.79
N ASN A 190 10.76 21.84 -15.59
CA ASN A 190 11.28 20.62 -16.21
C ASN A 190 10.75 20.44 -17.65
N ALA A 191 9.86 21.33 -18.14
CA ALA A 191 9.34 21.27 -19.51
C ALA A 191 10.38 21.69 -20.52
N ASN A 192 10.12 21.39 -21.78
CA ASN A 192 11.04 21.75 -22.82
C ASN A 192 10.84 23.25 -23.17
N PRO A 193 11.87 23.91 -23.74
CA PRO A 193 11.86 25.35 -24.01
C PRO A 193 10.55 25.92 -24.55
N ASP A 194 10.00 25.23 -25.54
CA ASP A 194 8.82 25.71 -26.25
C ASP A 194 7.56 25.66 -25.42
N CYS A 195 7.38 24.55 -24.73
CA CYS A 195 6.22 24.43 -23.90
CA CYS A 195 6.24 24.35 -23.85
C CYS A 195 6.46 25.27 -22.65
N LYS A 196 7.71 25.34 -22.19
CA LYS A 196 8.04 26.20 -21.05
C LYS A 196 7.62 27.65 -21.27
N THR A 197 7.94 28.19 -22.45
CA THR A 197 7.54 29.55 -22.85
C THR A 197 6.03 29.74 -22.86
N ILE A 198 5.30 28.81 -23.45
CA ILE A 198 3.82 28.86 -23.41
C ILE A 198 3.28 28.87 -21.96
N LEU A 199 3.90 28.07 -21.09
CA LEU A 199 3.45 27.95 -19.70
C LEU A 199 3.74 29.19 -18.85
N LYS A 200 4.93 29.80 -19.00
CA LYS A 200 5.31 31.12 -18.36
C LYS A 200 4.28 32.21 -18.68
N ALA A 201 3.86 32.26 -19.95
CA ALA A 201 2.82 33.20 -20.42
C ALA A 201 1.40 33.03 -19.84
N LEU A 202 1.01 31.80 -19.44
CA LEU A 202 -0.33 31.55 -18.85
C LEU A 202 -0.54 32.29 -17.55
N GLY A 203 0.54 32.64 -16.85
CA GLY A 203 0.46 33.39 -15.63
C GLY A 203 0.35 32.39 -14.49
N PRO A 204 0.24 32.91 -13.26
CA PRO A 204 0.02 32.02 -12.12
C PRO A 204 -1.44 31.57 -12.11
N GLY A 205 -1.67 30.41 -11.50
CA GLY A 205 -3.02 29.94 -11.23
C GLY A 205 -3.66 29.11 -12.32
N ALA A 206 -2.82 28.64 -13.25
CA ALA A 206 -3.26 27.70 -14.28
C ALA A 206 -3.47 26.28 -13.69
N THR A 207 -4.62 25.71 -13.99
CA THR A 207 -4.92 24.30 -13.73
C THR A 207 -4.08 23.43 -14.69
N LEU A 208 -3.97 22.14 -14.36
CA LEU A 208 -3.23 21.15 -15.15
C LEU A 208 -3.91 20.98 -16.51
N GLU A 209 -5.25 20.92 -16.50
CA GLU A 209 -6.04 20.93 -17.72
C GLU A 209 -5.69 22.12 -18.65
N GLU A 210 -5.57 23.32 -18.11
CA GLU A 210 -5.20 24.48 -18.93
C GLU A 210 -3.76 24.39 -19.44
N MET A 211 -2.82 23.97 -18.57
CA MET A 211 -1.41 23.75 -18.96
C MET A 211 -1.31 22.71 -20.09
N MET A 212 -2.05 21.62 -19.95
CA MET A 212 -2.02 20.58 -20.95
C MET A 212 -2.73 21.00 -22.23
N THR A 213 -3.77 21.85 -22.17
CA THR A 213 -4.41 22.33 -23.40
C THR A 213 -3.48 23.25 -24.20
N ALA A 214 -2.81 24.17 -23.50
CA ALA A 214 -1.88 25.15 -24.07
C ALA A 214 -0.72 24.55 -24.87
N CYS A 215 -0.16 23.46 -24.34
CA CYS A 215 0.96 22.71 -24.93
C CYS A 215 0.57 21.55 -25.88
N GLN A 216 -0.70 21.48 -26.27
CA GLN A 216 -1.22 20.50 -27.25
C GLN A 216 -0.93 21.08 -28.60
PG ATP B . -18.30 -17.50 -10.01
O1G ATP B . -17.79 -18.77 -9.38
O2G ATP B . -18.47 -16.34 -9.06
O3G ATP B . -19.47 -17.71 -10.95
PB ATP B . -16.60 -18.03 -12.13
O1B ATP B . -17.75 -18.11 -13.12
O2B ATP B . -16.22 -19.27 -11.37
O3B ATP B . -17.10 -17.02 -10.98
PA ATP B . -14.41 -17.72 -14.20
O1A ATP B . -14.30 -16.49 -15.06
O2A ATP B . -14.89 -18.98 -14.85
O3A ATP B . -15.26 -17.34 -12.82
O5' ATP B . -12.90 -18.05 -13.70
C5' ATP B . -11.90 -18.45 -14.63
C4' ATP B . -11.93 -17.54 -15.85
O4' ATP B . -11.94 -16.17 -15.44
C3' ATP B . -10.72 -17.72 -16.76
O3' ATP B . -10.98 -18.63 -17.83
C2' ATP B . -10.44 -16.33 -17.26
O2' ATP B . -11.09 -16.07 -18.52
C1' ATP B . -10.97 -15.42 -16.17
N9 ATP B . -9.81 -15.07 -15.31
C8 ATP B . -9.45 -15.74 -14.20
N7 ATP B . -8.33 -15.18 -13.67
C5 ATP B . -7.98 -14.15 -14.45
C6 ATP B . -6.90 -13.13 -14.46
N6 ATP B . -5.96 -13.12 -13.49
N1 ATP B . -6.89 -12.23 -15.45
C2 ATP B . -7.82 -12.23 -16.43
N3 ATP B . -8.83 -13.12 -16.48
C4 ATP B . -8.95 -14.08 -15.54
#